data_3BF5
#
_entry.id   3BF5
#
_cell.length_a   56.450
_cell.length_b   59.180
_cell.length_c   177.650
_cell.angle_alpha   90.000
_cell.angle_beta   90.000
_cell.angle_gamma   90.000
#
_symmetry.space_group_name_H-M   'P 21 21 21'
#
loop_
_entity.id
_entity.type
_entity.pdbx_description
1 polymer 'Ribokinase related protein'
2 non-polymer S-1,2-PROPANEDIOL
3 non-polymer 'PHOSPHATE ION'
4 water water
#
_entity_poly.entity_id   1
_entity_poly.type   'polypeptide(L)'
_entity_poly.pdbx_seq_one_letter_code
;(MSE)GSDKIHHHHHHENLYFQG(MSE)RFLAYFGHLNIDVLISVDSIPREGSVNVKDLRPRFGGTAGNFAIVAQKFRIP
FDLYSAVG(MSE)KTHREYLA(MSE)IES(MSE)GINTGHVEKFEDESGPICYIATDGKKQVSF(MSE)HQGA(MSE)AA
WAPQLADEYEYVHFSTGPNYLD(MSE)AKSIRSKIIFDPSQEIHKYSKDELKKFHEISY(MSE)SIFNDHEYRVFRE
(MSE)TGLSSPKVTTIVTNGERGSSLF(MSE)DGKKYDFPAIPSSGDTVGAGDSFRAGLYLALYNRRSIEKG(MSE)IYG
TIIAHHVIDDGIENFSLN(MSE)EDLERETENYRR(MSE)FTKRS
;
_entity_poly.pdbx_strand_id   A,B
#
loop_
_chem_comp.id
_chem_comp.type
_chem_comp.name
_chem_comp.formula
PGO non-polymer S-1,2-PROPANEDIOL 'C3 H8 O2'
PO4 non-polymer 'PHOSPHATE ION' 'O4 P -3'
#
# COMPACT_ATOMS: atom_id res chain seq x y z
N GLY A 19 -14.54 20.26 33.07
CA GLY A 19 -13.85 19.36 34.04
C GLY A 19 -12.55 18.81 33.47
N MSE A 20 -11.56 18.58 34.35
CA MSE A 20 -10.25 18.06 33.96
C MSE A 20 -10.26 16.54 33.77
O MSE A 20 -10.76 15.81 34.63
CB MSE A 20 -9.14 18.48 34.94
CG MSE A 20 -7.94 17.53 35.04
SE MSE A 20 -6.39 18.41 35.68
CE MSE A 20 -5.90 17.17 37.10
N ARG A 21 -9.64 16.08 32.68
CA ARG A 21 -9.59 14.67 32.33
C ARG A 21 -8.23 14.09 32.69
N PHE A 22 -8.13 12.78 32.64
CA PHE A 22 -6.93 12.08 33.09
C PHE A 22 -5.72 12.17 32.13
N LEU A 23 -5.92 11.76 30.88
CA LEU A 23 -4.83 11.59 29.93
C LEU A 23 -5.18 11.91 28.48
N ALA A 24 -4.32 12.73 27.86
CA ALA A 24 -4.33 13.04 26.41
C ALA A 24 -3.09 12.33 25.86
N TYR A 25 -3.23 11.49 24.84
CA TYR A 25 -2.12 10.69 24.32
C TYR A 25 -1.90 10.97 22.85
N PHE A 26 -0.70 11.45 22.50
CA PHE A 26 -0.36 11.93 21.17
C PHE A 26 0.58 10.92 20.52
N GLY A 27 0.20 10.43 19.34
CA GLY A 27 1.00 9.47 18.59
C GLY A 27 0.40 9.18 17.22
N HIS A 28 0.95 8.15 16.55
CA HIS A 28 0.55 7.69 15.21
C HIS A 28 -0.46 6.54 15.24
N LEU A 29 -1.38 6.59 14.27
CA LEU A 29 -2.33 5.50 13.98
C LEU A 29 -1.83 5.00 12.63
N ASN A 30 -0.72 4.25 12.70
CA ASN A 30 0.04 3.79 11.53
C ASN A 30 -0.47 2.49 10.98
N ILE A 31 -0.51 2.41 9.66
CA ILE A 31 -0.83 1.18 8.95
C ILE A 31 0.46 0.69 8.33
N ASP A 32 0.86 -0.54 8.68
CA ASP A 32 2.00 -1.17 8.00
C ASP A 32 1.40 -2.09 6.94
N VAL A 33 1.81 -1.92 5.69
CA VAL A 33 1.46 -2.80 4.58
C VAL A 33 2.66 -3.72 4.43
N LEU A 34 2.53 -4.96 4.87
CA LEU A 34 3.59 -5.97 4.89
C LEU A 34 3.60 -6.71 3.57
N ILE A 35 4.67 -6.51 2.79
CA ILE A 35 4.83 -7.08 1.46
C ILE A 35 5.92 -8.16 1.53
N SER A 36 5.52 -9.43 1.51
CA SER A 36 6.45 -10.58 1.58
C SER A 36 6.85 -11.04 0.19
N VAL A 37 8.16 -11.05 -0.07
CA VAL A 37 8.73 -11.50 -1.35
C VAL A 37 9.86 -12.51 -1.10
N ASP A 38 10.23 -13.26 -2.13
CA ASP A 38 11.36 -14.20 -2.04
C ASP A 38 12.69 -13.46 -1.97
N SER A 39 12.82 -12.42 -2.80
CA SER A 39 14.01 -11.59 -2.90
C SER A 39 13.64 -10.15 -3.25
N ILE A 40 14.12 -9.18 -2.46
CA ILE A 40 13.92 -7.75 -2.78
C ILE A 40 14.95 -7.42 -3.87
N PRO A 41 14.49 -7.05 -5.08
CA PRO A 41 15.48 -6.78 -6.13
C PRO A 41 16.18 -5.43 -5.99
N ARG A 42 17.29 -5.27 -6.71
CA ARG A 42 17.99 -3.97 -6.79
C ARG A 42 17.05 -3.05 -7.59
N GLU A 43 16.60 -3.56 -8.73
CA GLU A 43 15.69 -2.86 -9.60
C GLU A 43 14.87 -3.90 -10.38
N GLY A 44 13.65 -3.52 -10.76
CA GLY A 44 12.73 -4.39 -11.50
C GLY A 44 11.61 -4.89 -10.61
N SER A 45 10.77 -5.74 -11.19
CA SER A 45 9.62 -6.29 -10.50
C SER A 45 9.87 -7.66 -9.83
N VAL A 46 9.05 -7.95 -8.82
CA VAL A 46 9.06 -9.21 -8.09
C VAL A 46 7.61 -9.50 -7.65
N ASN A 47 7.26 -10.79 -7.61
CA ASN A 47 5.93 -11.24 -7.20
CA ASN A 47 5.91 -11.21 -7.21
C ASN A 47 5.77 -11.20 -5.69
N VAL A 48 4.63 -10.71 -5.22
CA VAL A 48 4.34 -10.64 -3.81
C VAL A 48 3.71 -11.97 -3.40
N LYS A 49 4.40 -12.70 -2.52
CA LYS A 49 3.95 -13.97 -1.98
C LYS A 49 2.81 -13.80 -0.97
N ASP A 50 2.89 -12.77 -0.12
CA ASP A 50 1.87 -12.44 0.88
C ASP A 50 1.75 -10.91 1.03
N LEU A 51 0.51 -10.43 1.21
CA LEU A 51 0.22 -9.02 1.42
C LEU A 51 -0.83 -8.90 2.51
N ARG A 52 -0.50 -8.17 3.56
CA ARG A 52 -1.48 -7.90 4.62
C ARG A 52 -1.18 -6.64 5.39
N PRO A 53 -2.23 -5.97 5.88
CA PRO A 53 -1.98 -4.79 6.67
C PRO A 53 -1.79 -5.15 8.14
N ARG A 54 -1.17 -4.24 8.88
CA ARG A 54 -1.09 -4.33 10.33
C ARG A 54 -1.41 -2.93 10.85
N PHE A 55 -2.48 -2.81 11.63
CA PHE A 55 -2.87 -1.55 12.23
C PHE A 55 -2.09 -1.36 13.53
N GLY A 56 -1.31 -0.28 13.61
CA GLY A 56 -0.49 -0.04 14.82
C GLY A 56 -0.16 1.40 15.05
N GLY A 57 1.13 1.64 15.27
CA GLY A 57 1.65 2.95 15.61
C GLY A 57 1.64 3.20 17.12
N THR A 58 2.32 4.28 17.51
CA THR A 58 2.45 4.66 18.92
C THR A 58 1.09 4.89 19.62
N ALA A 59 0.17 5.62 18.98
CA ALA A 59 -1.18 5.85 19.55
C ALA A 59 -2.09 4.64 19.50
N GLY A 60 -2.09 3.94 18.36
CA GLY A 60 -2.93 2.78 18.16
C GLY A 60 -2.71 1.63 19.09
N ASN A 61 -1.46 1.20 19.19
CA ASN A 61 -1.10 0.08 20.07
C ASN A 61 -1.39 0.39 21.52
N PHE A 62 -1.11 1.63 21.94
CA PHE A 62 -1.46 2.04 23.29
C PHE A 62 -2.96 1.97 23.51
N ALA A 63 -3.70 2.63 22.62
CA ALA A 63 -5.15 2.72 22.70
C ALA A 63 -5.80 1.38 22.84
N ILE A 64 -5.40 0.45 21.99
CA ILE A 64 -5.98 -0.93 21.97
C ILE A 64 -5.79 -1.66 23.31
N VAL A 65 -4.58 -1.53 23.89
CA VAL A 65 -4.27 -2.21 25.18
C VAL A 65 -4.94 -1.43 26.32
N ALA A 66 -4.76 -0.10 26.33
CA ALA A 66 -5.32 0.74 27.41
C ALA A 66 -6.82 0.61 27.49
N GLN A 67 -7.47 0.56 26.34
CA GLN A 67 -8.94 0.35 26.28
C GLN A 67 -9.39 -0.94 26.95
N LYS A 68 -8.60 -1.99 26.78
CA LYS A 68 -8.91 -3.30 27.39
C LYS A 68 -8.91 -3.25 28.94
N PHE A 69 -8.12 -2.35 29.52
CA PHE A 69 -8.09 -2.09 30.97
C PHE A 69 -9.04 -0.98 31.44
N ARG A 70 -9.81 -0.40 30.51
CA ARG A 70 -10.73 0.71 30.80
C ARG A 70 -10.03 1.94 31.42
N ILE A 71 -8.81 2.21 30.93
CA ILE A 71 -8.08 3.42 31.34
C ILE A 71 -8.67 4.57 30.52
N PRO A 72 -9.11 5.68 31.18
CA PRO A 72 -9.64 6.80 30.37
C PRO A 72 -8.50 7.55 29.67
N PHE A 73 -8.71 7.86 28.39
CA PHE A 73 -7.73 8.62 27.61
C PHE A 73 -8.42 9.22 26.39
N ASP A 74 -7.92 10.38 25.95
CA ASP A 74 -8.32 11.05 24.71
C ASP A 74 -7.15 10.86 23.76
N LEU A 75 -7.37 10.11 22.68
CA LEU A 75 -6.39 9.82 21.67
C LEU A 75 -6.30 11.03 20.74
N TYR A 76 -5.11 11.61 20.61
CA TYR A 76 -4.87 12.72 19.70
C TYR A 76 -3.97 12.22 18.57
N SER A 77 -4.46 12.30 17.34
CA SER A 77 -3.69 11.90 16.16
C SER A 77 -4.29 12.57 14.90
N ALA A 78 -3.76 12.24 13.74
CA ALA A 78 -4.23 12.75 12.44
C ALA A 78 -4.14 11.63 11.42
N VAL A 79 -5.25 11.34 10.74
CA VAL A 79 -5.28 10.27 9.72
C VAL A 79 -5.83 10.76 8.37
N GLY A 80 -5.39 10.08 7.31
CA GLY A 80 -5.80 10.35 5.95
C GLY A 80 -6.91 9.40 5.59
N MSE A 81 -8.05 9.93 5.17
CA MSE A 81 -9.23 9.06 4.90
C MSE A 81 -9.10 8.19 3.62
O MSE A 81 -9.89 7.28 3.40
CB MSE A 81 -10.55 9.86 4.89
CG MSE A 81 -10.77 10.65 6.17
SE MSE A 81 -10.84 9.48 7.73
CE MSE A 81 -12.71 9.03 7.57
N LYS A 82 -8.08 8.46 2.78
CA LYS A 82 -7.83 7.63 1.60
CA LYS A 82 -7.81 7.63 1.60
C LYS A 82 -7.33 6.24 2.00
N THR A 83 -6.67 6.15 3.17
CA THR A 83 -6.12 4.90 3.71
C THR A 83 -6.64 4.41 5.07
N HIS A 84 -7.17 5.29 5.95
CA HIS A 84 -7.48 4.94 7.36
C HIS A 84 -8.92 4.74 7.79
N ARG A 85 -9.81 4.53 6.83
CA ARG A 85 -11.24 4.32 7.17
C ARG A 85 -11.48 3.04 7.96
N GLU A 86 -10.79 1.95 7.62
CA GLU A 86 -11.03 0.66 8.31
C GLU A 86 -10.42 0.65 9.69
N TYR A 87 -9.25 1.27 9.82
CA TYR A 87 -8.57 1.41 11.11
C TYR A 87 -9.50 2.21 12.05
N LEU A 88 -10.02 3.35 11.61
CA LEU A 88 -10.95 4.11 12.44
C LEU A 88 -12.16 3.27 12.85
N ALA A 89 -12.77 2.58 11.89
CA ALA A 89 -13.92 1.72 12.16
C ALA A 89 -13.61 0.65 13.21
N MSE A 90 -12.41 0.08 13.16
CA MSE A 90 -12.01 -0.98 14.09
C MSE A 90 -11.92 -0.48 15.53
O MSE A 90 -12.51 -1.06 16.43
CB MSE A 90 -10.66 -1.60 13.71
CG MSE A 90 -10.30 -2.83 14.57
SE MSE A 90 -8.50 -3.50 14.34
CE MSE A 90 -7.36 -2.08 15.04
N ILE A 91 -11.17 0.57 15.75
CA ILE A 91 -10.99 1.13 17.11
C ILE A 91 -12.27 1.72 17.68
N GLU A 92 -13.11 2.30 16.83
CA GLU A 92 -14.42 2.79 17.24
C GLU A 92 -15.32 1.64 17.67
N SER A 93 -15.24 0.50 16.98
CA SER A 93 -15.98 -0.72 17.35
C SER A 93 -15.52 -1.25 18.70
N MSE A 94 -14.27 -0.98 19.09
CA MSE A 94 -13.74 -1.31 20.43
C MSE A 94 -14.16 -0.32 21.52
O MSE A 94 -13.88 -0.55 22.69
CB MSE A 94 -12.21 -1.38 20.39
CG MSE A 94 -11.69 -2.46 19.52
SE MSE A 94 -9.80 -2.23 19.33
CE MSE A 94 -9.62 -3.74 18.07
N GLY A 95 -14.85 0.77 21.15
CA GLY A 95 -15.32 1.79 22.07
C GLY A 95 -14.34 2.95 22.23
N ILE A 96 -13.32 3.02 21.39
CA ILE A 96 -12.29 4.07 21.48
C ILE A 96 -12.83 5.32 20.78
N ASN A 97 -12.80 6.47 21.48
CA ASN A 97 -13.28 7.75 20.94
C ASN A 97 -12.25 8.33 20.03
N THR A 98 -12.66 8.63 18.80
CA THR A 98 -11.76 9.21 17.79
C THR A 98 -12.08 10.69 17.54
N GLY A 99 -12.72 11.37 18.49
CA GLY A 99 -13.11 12.77 18.39
C GLY A 99 -11.95 13.73 18.30
N HIS A 100 -10.83 13.36 18.90
CA HIS A 100 -9.61 14.19 18.84
C HIS A 100 -8.61 13.71 17.77
N VAL A 101 -9.07 12.79 16.90
CA VAL A 101 -8.29 12.33 15.76
C VAL A 101 -8.78 13.17 14.58
N GLU A 102 -7.87 13.98 14.05
CA GLU A 102 -8.14 14.82 12.89
C GLU A 102 -8.23 13.91 11.65
N LYS A 103 -9.33 14.04 10.89
CA LYS A 103 -9.60 13.22 9.71
C LYS A 103 -9.46 14.06 8.44
N PHE A 104 -8.36 13.86 7.70
CA PHE A 104 -8.07 14.58 6.45
C PHE A 104 -8.66 13.78 5.30
N GLU A 105 -9.73 14.32 4.73
CA GLU A 105 -10.48 13.64 3.67
C GLU A 105 -9.62 13.33 2.42
N ASP A 106 -8.84 14.29 1.93
CA ASP A 106 -8.03 14.11 0.71
C ASP A 106 -6.56 13.71 0.95
N GLU A 107 -6.25 13.15 2.11
CA GLU A 107 -4.91 12.67 2.45
C GLU A 107 -4.95 11.18 2.70
N SER A 108 -3.77 10.60 2.68
CA SER A 108 -3.52 9.23 3.06
C SER A 108 -2.54 9.28 4.25
N GLY A 109 -2.30 8.14 4.87
CA GLY A 109 -1.34 8.04 5.93
C GLY A 109 -1.79 8.38 7.36
N PRO A 110 -0.91 8.11 8.34
CA PRO A 110 0.44 7.56 8.24
C PRO A 110 0.42 6.06 7.84
N ILE A 111 1.20 5.74 6.82
CA ILE A 111 1.21 4.44 6.21
C ILE A 111 2.65 4.10 5.80
N CYS A 112 3.06 2.87 6.09
CA CYS A 112 4.41 2.43 5.79
C CYS A 112 4.33 1.13 4.98
N TYR A 113 4.98 1.12 3.80
CA TYR A 113 5.01 -0.06 2.93
C TYR A 113 6.30 -0.80 3.23
N ILE A 114 6.19 -1.99 3.81
CA ILE A 114 7.35 -2.77 4.26
C ILE A 114 7.55 -4.02 3.40
N ALA A 115 8.56 -3.99 2.53
CA ALA A 115 8.96 -5.10 1.67
C ALA A 115 9.93 -5.95 2.49
N THR A 116 9.70 -7.27 2.55
CA THR A 116 10.54 -8.21 3.30
C THR A 116 10.80 -9.53 2.56
N ASP A 117 12.04 -10.01 2.64
CA ASP A 117 12.41 -11.36 2.17
C ASP A 117 12.89 -12.29 3.30
N GLY A 118 13.15 -11.75 4.50
CA GLY A 118 13.68 -12.49 5.66
C GLY A 118 15.09 -11.97 5.88
N LYS A 119 15.94 -12.21 4.87
CA LYS A 119 17.35 -11.74 4.83
C LYS A 119 17.55 -10.22 4.53
N LYS A 120 16.47 -9.42 4.47
CA LYS A 120 16.50 -7.95 4.21
C LYS A 120 15.08 -7.34 4.43
N GLN A 121 15.02 -6.03 4.61
CA GLN A 121 13.74 -5.31 4.81
C GLN A 121 13.87 -3.83 4.40
N VAL A 122 12.91 -3.32 3.62
CA VAL A 122 12.91 -1.92 3.14
C VAL A 122 11.54 -1.31 3.44
N SER A 123 11.52 -0.20 4.19
CA SER A 123 10.29 0.48 4.64
C SER A 123 10.12 1.84 3.94
N PHE A 124 8.98 2.07 3.29
CA PHE A 124 8.66 3.35 2.64
C PHE A 124 7.61 4.03 3.50
N MSE A 125 8.04 5.02 4.30
CA MSE A 125 7.17 5.69 5.27
C MSE A 125 6.52 6.93 4.72
O MSE A 125 7.21 7.85 4.38
CB MSE A 125 8.00 6.06 6.52
CG MSE A 125 7.18 6.75 7.61
SE MSE A 125 5.87 5.61 8.45
CE MSE A 125 4.39 6.85 8.56
N HIS A 126 5.18 6.96 4.64
CA HIS A 126 4.45 8.14 4.19
C HIS A 126 3.70 8.68 5.40
N GLN A 127 4.20 9.78 5.95
CA GLN A 127 3.56 10.47 7.09
C GLN A 127 2.17 10.96 6.70
N GLY A 128 2.09 11.62 5.54
CA GLY A 128 0.82 12.11 5.00
C GLY A 128 0.08 13.02 5.96
N ALA A 129 -1.09 12.59 6.39
CA ALA A 129 -1.89 13.29 7.41
C ALA A 129 -1.11 13.79 8.64
N MSE A 130 -0.14 12.99 9.09
CA MSE A 130 0.65 13.36 10.28
C MSE A 130 1.61 14.52 10.02
O MSE A 130 1.92 15.24 10.99
CB MSE A 130 1.41 12.16 10.88
CG MSE A 130 0.54 11.24 11.61
SE MSE A 130 -0.29 12.09 13.22
CE MSE A 130 1.35 12.18 14.29
N ALA A 131 2.03 14.72 8.77
CA ALA A 131 2.87 15.85 8.36
C ALA A 131 2.02 17.11 8.11
N ALA A 132 0.74 16.93 7.76
CA ALA A 132 -0.24 18.00 7.54
C ALA A 132 -0.90 18.55 8.81
N TRP A 133 -0.80 17.81 9.91
CA TRP A 133 -1.47 18.17 11.17
C TRP A 133 -0.87 19.31 11.97
N ALA A 134 -1.74 20.20 12.45
CA ALA A 134 -1.40 21.30 13.37
C ALA A 134 -2.19 20.96 14.63
N PRO A 135 -1.59 20.19 15.57
CA PRO A 135 -2.34 19.82 16.78
C PRO A 135 -2.70 21.00 17.70
N GLN A 136 -3.89 20.92 18.29
CA GLN A 136 -4.37 21.89 19.24
C GLN A 136 -4.96 21.13 20.41
N LEU A 137 -4.50 21.44 21.62
CA LEU A 137 -4.93 20.73 22.81
C LEU A 137 -6.27 21.35 23.21
N ALA A 138 -7.32 20.53 23.11
CA ALA A 138 -8.71 20.97 23.33
C ALA A 138 -8.98 21.41 24.77
N ASP A 139 -8.90 20.43 25.66
CA ASP A 139 -9.27 20.53 27.05
C ASP A 139 -8.03 20.42 27.97
N GLU A 140 -8.26 20.47 29.28
CA GLU A 140 -7.20 20.39 30.29
C GLU A 140 -7.13 18.94 30.81
N TYR A 141 -5.90 18.45 30.96
CA TYR A 141 -5.60 17.05 31.33
C TYR A 141 -4.60 16.98 32.45
N GLU A 142 -4.67 15.94 33.28
CA GLU A 142 -3.69 15.75 34.36
C GLU A 142 -2.33 15.34 33.76
N TYR A 143 -2.39 14.35 32.86
CA TYR A 143 -1.24 13.85 32.10
C TYR A 143 -1.42 14.10 30.59
N VAL A 144 -0.34 14.50 29.92
CA VAL A 144 -0.30 14.62 28.46
C VAL A 144 0.96 13.85 28.01
N HIS A 145 0.75 12.79 27.21
CA HIS A 145 1.82 11.94 26.72
C HIS A 145 2.10 12.33 25.28
N PHE A 146 3.31 12.82 25.05
CA PHE A 146 3.75 13.23 23.72
C PHE A 146 4.71 12.18 23.21
N SER A 147 4.30 11.41 22.18
CA SER A 147 5.17 10.39 21.57
C SER A 147 5.65 10.89 20.21
N THR A 148 5.20 10.30 19.11
CA THR A 148 5.64 10.64 17.76
C THR A 148 4.64 11.59 17.12
N GLY A 149 5.10 12.55 16.37
CA GLY A 149 4.22 13.50 15.68
C GLY A 149 4.77 14.91 15.67
N PRO A 150 4.04 15.85 15.07
CA PRO A 150 4.53 17.22 14.88
C PRO A 150 4.21 18.26 15.96
N ASN A 151 5.15 19.21 16.15
CA ASN A 151 4.97 20.43 16.98
C ASN A 151 4.57 20.22 18.45
N TYR A 152 5.07 19.14 19.07
CA TYR A 152 4.71 18.81 20.46
C TYR A 152 5.37 19.73 21.50
N LEU A 153 6.61 20.14 21.27
CA LEU A 153 7.29 21.03 22.22
C LEU A 153 6.56 22.39 22.41
N ASP A 154 5.90 22.87 21.35
CA ASP A 154 5.13 24.14 21.41
C ASP A 154 3.93 23.98 22.32
N MSE A 155 3.25 22.84 22.22
CA MSE A 155 2.17 22.51 23.15
C MSE A 155 2.69 22.25 24.56
O MSE A 155 2.12 22.75 25.51
CB MSE A 155 1.36 21.31 22.68
CG MSE A 155 0.45 21.63 21.53
SE MSE A 155 -0.62 20.07 21.20
CE MSE A 155 0.77 19.12 20.24
N ALA A 156 3.76 21.47 24.67
CA ALA A 156 4.38 21.11 25.96
C ALA A 156 4.73 22.30 26.84
N LYS A 157 5.39 23.29 26.24
CA LYS A 157 5.83 24.51 26.89
C LYS A 157 4.73 25.33 27.59
N SER A 158 3.54 25.36 26.97
CA SER A 158 2.43 26.21 27.40
C SER A 158 1.49 25.65 28.46
N ILE A 159 1.46 24.32 28.63
CA ILE A 159 0.55 23.65 29.57
C ILE A 159 1.20 23.31 30.92
N ARG A 160 0.33 23.11 31.93
CA ARG A 160 0.72 22.76 33.32
C ARG A 160 0.55 21.30 33.71
N SER A 161 0.10 20.47 32.77
CA SER A 161 -0.05 19.02 32.94
C SER A 161 1.26 18.32 33.26
N LYS A 162 1.17 17.11 33.80
CA LYS A 162 2.36 16.25 33.94
C LYS A 162 2.64 15.72 32.52
N ILE A 163 3.75 16.17 31.94
CA ILE A 163 4.12 15.83 30.57
C ILE A 163 5.05 14.63 30.54
N ILE A 164 4.72 13.63 29.72
CA ILE A 164 5.58 12.48 29.48
C ILE A 164 6.16 12.69 28.07
N PHE A 165 7.50 12.76 27.99
CA PHE A 165 8.23 12.93 26.74
C PHE A 165 8.70 11.56 26.24
N ASP A 166 8.16 11.11 25.10
CA ASP A 166 8.39 9.78 24.56
C ASP A 166 8.64 9.85 23.05
N PRO A 167 9.75 10.48 22.63
CA PRO A 167 10.03 10.72 21.22
C PRO A 167 10.25 9.55 20.31
N SER A 168 10.65 8.39 20.86
CA SER A 168 10.77 7.17 20.09
CA SER A 168 10.80 7.16 20.11
C SER A 168 11.68 7.38 18.88
N GLN A 169 11.27 6.89 17.70
CA GLN A 169 12.05 7.03 16.45
C GLN A 169 12.25 8.46 15.96
N GLU A 170 11.53 9.45 16.51
CA GLU A 170 11.68 10.87 16.13
C GLU A 170 12.68 11.69 16.96
N ILE A 171 13.48 11.04 17.80
CA ILE A 171 14.50 11.71 18.64
C ILE A 171 15.39 12.62 17.78
N HIS A 172 15.74 12.15 16.57
CA HIS A 172 16.62 12.88 15.65
C HIS A 172 16.09 14.22 15.10
N LYS A 173 14.79 14.45 15.09
CA LYS A 173 14.26 15.70 14.54
C LYS A 173 14.38 16.90 15.48
N TYR A 174 14.62 16.68 16.78
CA TYR A 174 14.77 17.77 17.77
C TYR A 174 16.23 18.22 17.88
N SER A 175 16.43 19.52 18.09
CA SER A 175 17.76 20.09 18.31
C SER A 175 18.17 19.84 19.75
N LYS A 176 19.42 20.13 20.07
CA LYS A 176 19.94 19.97 21.45
C LYS A 176 19.07 20.71 22.49
N ASP A 177 18.78 21.98 22.23
CA ASP A 177 18.01 22.82 23.15
C ASP A 177 16.56 22.37 23.25
N GLU A 178 15.98 21.93 22.13
CA GLU A 178 14.64 21.37 22.15
C GLU A 178 14.59 20.09 22.97
N LEU A 179 15.60 19.21 22.82
CA LEU A 179 15.67 17.98 23.64
C LEU A 179 15.85 18.26 25.15
N LYS A 180 16.79 19.12 25.52
CA LYS A 180 16.97 19.47 26.92
C LYS A 180 15.72 20.12 27.51
N LYS A 181 15.11 21.04 26.76
CA LYS A 181 13.88 21.74 27.17
C LYS A 181 12.75 20.76 27.42
N PHE A 182 12.45 19.95 26.42
CA PHE A 182 11.33 18.98 26.49
C PHE A 182 11.55 18.00 27.65
N HIS A 183 12.79 17.55 27.84
CA HIS A 183 13.14 16.65 28.95
C HIS A 183 12.98 17.32 30.31
N GLU A 184 13.49 18.54 30.47
CA GLU A 184 13.43 19.23 31.74
C GLU A 184 12.02 19.62 32.18
N ILE A 185 11.15 19.96 31.23
CA ILE A 185 9.75 20.27 31.56
C ILE A 185 8.93 19.00 31.81
N SER A 186 9.42 17.85 31.35
CA SER A 186 8.67 16.61 31.49
C SER A 186 8.61 16.11 32.95
N TYR A 187 7.48 15.53 33.31
CA TYR A 187 7.28 14.80 34.58
C TYR A 187 8.11 13.50 34.52
N MSE A 188 8.08 12.86 33.35
CA MSE A 188 8.93 11.71 33.02
C MSE A 188 9.30 11.68 31.56
O MSE A 188 8.54 12.14 30.74
CB MSE A 188 8.23 10.39 33.36
CG MSE A 188 8.05 10.13 34.82
SE MSE A 188 7.46 8.29 35.16
CE MSE A 188 5.73 8.33 34.31
N SER A 189 10.50 11.19 31.23
CA SER A 189 10.89 10.95 29.85
C SER A 189 10.99 9.43 29.73
N ILE A 190 10.74 8.91 28.51
CA ILE A 190 10.78 7.48 28.19
CA ILE A 190 10.87 7.49 28.25
C ILE A 190 11.60 7.30 26.90
N PHE A 191 12.50 6.33 26.90
CA PHE A 191 13.34 6.02 25.75
C PHE A 191 13.57 4.52 25.71
N ASN A 192 14.04 4.04 24.55
CA ASN A 192 14.58 2.67 24.50
C ASN A 192 16.08 2.87 24.65
N ASP A 193 16.81 1.76 24.72
CA ASP A 193 18.24 1.84 24.99
C ASP A 193 18.98 2.73 23.98
N HIS A 194 18.72 2.51 22.70
CA HIS A 194 19.39 3.31 21.63
C HIS A 194 19.07 4.80 21.67
N GLU A 195 17.78 5.12 21.85
CA GLU A 195 17.30 6.51 21.90
C GLU A 195 17.83 7.26 23.11
N TYR A 196 18.06 6.56 24.22
CA TYR A 196 18.69 7.15 25.40
C TYR A 196 20.14 7.53 25.10
N ARG A 197 20.88 6.69 24.38
CA ARG A 197 22.26 7.04 24.02
C ARG A 197 22.29 8.27 23.12
N VAL A 198 21.37 8.32 22.15
CA VAL A 198 21.22 9.47 21.23
C VAL A 198 20.87 10.72 22.04
N PHE A 199 19.92 10.60 22.96
CA PHE A 199 19.52 11.71 23.81
C PHE A 199 20.70 12.31 24.59
N ARG A 200 21.35 11.47 25.41
CA ARG A 200 22.56 11.87 26.19
C ARG A 200 23.61 12.58 25.32
N GLU A 201 23.86 11.98 24.16
CA GLU A 201 24.82 12.46 23.17
C GLU A 201 24.39 13.81 22.59
N MSE A 202 23.15 13.90 22.07
CA MSE A 202 22.61 15.15 21.48
CA MSE A 202 22.64 15.16 21.48
C MSE A 202 22.55 16.31 22.48
O MSE A 202 22.86 17.46 22.12
CB MSE A 202 21.20 14.94 20.88
CB MSE A 202 21.27 14.98 20.81
CG MSE A 202 21.13 14.17 19.55
CG MSE A 202 21.31 14.42 19.39
SE MSE A 202 19.32 13.85 18.83
SE MSE A 202 22.39 15.51 18.19
CE MSE A 202 19.91 12.99 17.19
CE MSE A 202 21.70 17.31 18.54
N THR A 203 22.17 16.00 23.72
CA THR A 203 21.99 17.00 24.79
C THR A 203 23.25 17.34 25.61
N GLY A 204 24.17 16.39 25.70
CA GLY A 204 25.33 16.53 26.55
C GLY A 204 25.01 16.26 28.02
N LEU A 205 23.85 15.67 28.33
CA LEU A 205 23.49 15.30 29.70
C LEU A 205 24.00 13.88 29.90
N SER A 206 24.81 13.67 30.94
CA SER A 206 25.36 12.34 31.27
C SER A 206 24.33 11.46 32.00
N SER A 207 23.53 12.07 32.88
CA SER A 207 22.41 11.41 33.56
C SER A 207 21.14 12.27 33.38
N PRO A 208 19.96 11.68 33.62
CA PRO A 208 18.73 12.46 33.43
C PRO A 208 18.49 13.55 34.49
N LYS A 209 17.93 14.67 34.04
CA LYS A 209 17.51 15.77 34.91
C LYS A 209 16.15 15.50 35.59
N VAL A 210 15.31 14.65 34.98
CA VAL A 210 14.02 14.25 35.56
C VAL A 210 13.89 12.72 35.55
N THR A 211 12.91 12.19 36.27
CA THR A 211 12.63 10.73 36.32
C THR A 211 12.56 10.20 34.88
N THR A 212 13.33 9.15 34.57
CA THR A 212 13.42 8.60 33.22
C THR A 212 13.37 7.08 33.12
N ILE A 213 12.53 6.57 32.22
CA ILE A 213 12.39 5.13 31.97
C ILE A 213 13.18 4.78 30.71
N VAL A 214 14.01 3.74 30.78
CA VAL A 214 14.77 3.29 29.60
C VAL A 214 14.39 1.82 29.42
N THR A 215 13.67 1.50 28.36
CA THR A 215 13.31 0.12 28.05
C THR A 215 14.47 -0.56 27.31
N ASN A 216 14.54 -1.89 27.43
CA ASN A 216 15.62 -2.68 26.80
C ASN A 216 15.10 -4.04 26.30
N GLY A 217 14.01 -3.97 25.51
CA GLY A 217 13.35 -5.12 24.88
C GLY A 217 13.27 -6.36 25.74
N GLU A 218 13.77 -7.48 25.21
CA GLU A 218 13.79 -8.78 25.89
C GLU A 218 14.46 -8.80 27.26
N ARG A 219 15.42 -7.90 27.51
CA ARG A 219 16.12 -7.87 28.79
C ARG A 219 15.34 -7.19 29.94
N GLY A 220 14.38 -6.34 29.61
CA GLY A 220 13.61 -5.61 30.62
C GLY A 220 13.71 -4.11 30.44
N SER A 221 13.72 -3.39 31.57
CA SER A 221 13.73 -1.94 31.59
C SER A 221 14.38 -1.41 32.86
N SER A 222 14.78 -0.14 32.81
CA SER A 222 15.39 0.57 33.94
C SER A 222 14.65 1.87 34.24
N LEU A 223 14.67 2.26 35.52
CA LEU A 223 14.05 3.49 36.03
C LEU A 223 15.14 4.34 36.67
N PHE A 224 15.42 5.50 36.10
CA PHE A 224 16.39 6.46 36.65
C PHE A 224 15.57 7.41 37.49
N MSE A 225 15.80 7.38 38.80
CA MSE A 225 15.04 8.19 39.75
C MSE A 225 15.86 8.42 41.03
O MSE A 225 16.46 7.47 41.57
CB MSE A 225 13.74 7.48 40.07
CG MSE A 225 12.74 8.29 40.85
SE MSE A 225 11.12 7.30 41.20
CE MSE A 225 11.85 5.80 42.22
N ASP A 226 15.89 9.67 41.49
CA ASP A 226 16.66 10.11 42.68
C ASP A 226 18.15 9.78 42.58
N GLY A 227 18.73 9.94 41.39
CA GLY A 227 20.13 9.62 41.17
C GLY A 227 20.52 8.16 41.23
N LYS A 228 19.53 7.25 41.24
CA LYS A 228 19.74 5.80 41.30
C LYS A 228 19.07 5.16 40.09
N LYS A 229 19.55 3.97 39.71
CA LYS A 229 19.03 3.18 38.59
C LYS A 229 18.48 1.88 39.15
N TYR A 230 17.17 1.68 38.95
CA TYR A 230 16.42 0.50 39.38
C TYR A 230 16.12 -0.37 38.17
N ASP A 231 16.50 -1.64 38.23
CA ASP A 231 16.32 -2.58 37.10
C ASP A 231 15.09 -3.48 37.27
N PHE A 232 14.38 -3.64 36.16
CA PHE A 232 13.18 -4.46 36.06
C PHE A 232 13.36 -5.51 34.95
N PRO A 233 13.96 -6.67 35.29
CA PRO A 233 14.09 -7.81 34.37
C PRO A 233 12.76 -8.25 33.77
N ALA A 234 12.78 -8.60 32.49
CA ALA A 234 11.62 -9.04 31.76
C ALA A 234 11.21 -10.42 32.21
N ILE A 235 9.91 -10.71 32.13
CA ILE A 235 9.40 -12.06 32.43
C ILE A 235 9.58 -12.84 31.11
N PRO A 236 10.21 -14.06 31.12
CA PRO A 236 10.40 -14.81 29.86
C PRO A 236 9.14 -14.90 29.00
N SER A 237 9.24 -14.45 27.75
CA SER A 237 8.08 -14.41 26.83
C SER A 237 8.45 -14.96 25.47
N SER A 238 7.44 -15.48 24.77
CA SER A 238 7.61 -16.04 23.44
C SER A 238 6.36 -15.70 22.63
N GLY A 239 6.56 -14.90 21.58
CA GLY A 239 5.47 -14.51 20.70
C GLY A 239 5.81 -13.24 19.94
N ASP A 240 4.74 -12.58 19.50
CA ASP A 240 4.81 -11.34 18.75
C ASP A 240 5.13 -10.17 19.69
N THR A 241 6.34 -9.62 19.52
CA THR A 241 6.86 -8.50 20.32
CA THR A 241 6.83 -8.48 20.33
C THR A 241 6.41 -7.12 19.77
N VAL A 242 5.66 -7.10 18.66
CA VAL A 242 5.20 -5.83 18.08
C VAL A 242 4.24 -5.17 19.08
N GLY A 243 4.50 -3.91 19.39
CA GLY A 243 3.72 -3.17 20.38
C GLY A 243 3.99 -3.51 21.85
N ALA A 244 5.04 -4.27 22.17
CA ALA A 244 5.35 -4.61 23.58
C ALA A 244 5.61 -3.35 24.43
N GLY A 245 6.28 -2.37 23.83
CA GLY A 245 6.49 -1.07 24.49
C GLY A 245 5.20 -0.34 24.84
N ASP A 246 4.18 -0.49 24.00
CA ASP A 246 2.89 0.16 24.17
C ASP A 246 2.08 -0.56 25.23
N SER A 247 2.18 -1.90 25.29
CA SER A 247 1.63 -2.66 26.41
C SER A 247 2.27 -2.20 27.73
N PHE A 248 3.60 -2.04 27.72
CA PHE A 248 4.31 -1.58 28.90
C PHE A 248 3.75 -0.22 29.33
N ARG A 249 3.61 0.71 28.37
CA ARG A 249 3.08 2.04 28.68
C ARG A 249 1.68 2.00 29.22
N ALA A 250 0.87 1.07 28.72
CA ALA A 250 -0.49 0.91 29.24
C ALA A 250 -0.46 0.47 30.71
N GLY A 251 0.46 -0.44 31.07
CA GLY A 251 0.62 -0.84 32.48
C GLY A 251 1.06 0.35 33.35
N LEU A 252 1.92 1.20 32.82
CA LEU A 252 2.36 2.38 33.57
C LEU A 252 1.18 3.29 33.90
N TYR A 253 0.32 3.56 32.91
CA TYR A 253 -0.84 4.42 33.11
C TYR A 253 -1.90 3.80 33.97
N LEU A 254 -1.98 2.49 33.95
CA LEU A 254 -2.90 1.77 34.84
C LEU A 254 -2.55 2.07 36.31
N ALA A 255 -1.25 2.03 36.61
CA ALA A 255 -0.74 2.37 37.95
C ALA A 255 -1.03 3.84 38.26
N LEU A 256 -0.68 4.74 37.34
CA LEU A 256 -0.90 6.18 37.56
C LEU A 256 -2.35 6.50 37.79
N TYR A 257 -3.24 5.88 37.00
CA TYR A 257 -4.70 6.03 37.17
C TYR A 257 -5.20 5.59 38.54
N ASN A 258 -4.68 4.47 39.03
CA ASN A 258 -5.02 3.97 40.36
C ASN A 258 -4.18 4.59 41.50
N ARG A 259 -3.40 5.63 41.22
CA ARG A 259 -2.59 6.37 42.20
C ARG A 259 -1.55 5.49 42.91
N ARG A 260 -0.92 4.62 42.13
CA ARG A 260 0.06 3.67 42.64
C ARG A 260 1.44 4.22 42.39
N SER A 261 2.45 3.57 42.98
CA SER A 261 3.83 4.00 42.83
C SER A 261 4.35 3.75 41.42
N ILE A 262 5.40 4.51 41.08
CA ILE A 262 6.04 4.35 39.77
CA ILE A 262 6.08 4.36 39.80
C ILE A 262 6.65 2.94 39.71
N GLU A 263 7.15 2.41 40.85
CA GLU A 263 7.67 1.04 40.92
C GLU A 263 6.54 0.10 40.48
N LYS A 264 5.35 0.27 41.06
CA LYS A 264 4.16 -0.50 40.68
C LYS A 264 3.90 -0.40 39.17
N GLY A 265 3.97 0.81 38.61
CA GLY A 265 3.77 1.02 37.17
C GLY A 265 4.78 0.28 36.30
N MSE A 266 6.04 0.27 36.72
CA MSE A 266 7.10 -0.48 36.03
C MSE A 266 6.79 -1.97 36.04
O MSE A 266 6.95 -2.65 35.02
CB MSE A 266 8.47 -0.26 36.67
CG MSE A 266 9.00 1.17 36.64
SE MSE A 266 9.44 1.87 34.94
CE MSE A 266 11.05 0.90 34.53
N ILE A 267 6.33 -2.46 37.19
CA ILE A 267 6.01 -3.88 37.35
C ILE A 267 4.75 -4.24 36.54
N TYR A 268 3.71 -3.42 36.61
CA TYR A 268 2.49 -3.62 35.81
C TYR A 268 2.81 -3.71 34.33
N GLY A 269 3.64 -2.80 33.84
CA GLY A 269 4.07 -2.77 32.45
C GLY A 269 4.82 -4.00 32.03
N THR A 270 5.70 -4.46 32.91
CA THR A 270 6.47 -5.67 32.71
C THR A 270 5.59 -6.92 32.57
N ILE A 271 4.61 -7.04 33.46
CA ILE A 271 3.69 -8.19 33.50
C ILE A 271 2.72 -8.14 32.31
N ILE A 272 2.13 -6.97 32.04
CA ILE A 272 1.19 -6.82 30.93
C ILE A 272 1.89 -7.06 29.57
N ALA A 273 3.07 -6.46 29.37
CA ALA A 273 3.88 -6.69 28.14
C ALA A 273 4.10 -8.19 27.89
N HIS A 274 4.48 -8.90 28.95
CA HIS A 274 4.67 -10.34 28.92
C HIS A 274 3.41 -11.10 28.48
N HIS A 275 2.26 -10.78 29.06
CA HIS A 275 1.02 -11.50 28.72
C HIS A 275 0.55 -11.21 27.31
N VAL A 276 0.68 -9.97 26.86
CA VAL A 276 0.29 -9.59 25.50
C VAL A 276 1.20 -10.26 24.45
N ILE A 277 2.51 -10.38 24.71
CA ILE A 277 3.42 -11.10 23.80
C ILE A 277 3.00 -12.58 23.68
N ASP A 278 2.82 -13.24 24.83
CA ASP A 278 2.45 -14.66 24.88
C ASP A 278 1.05 -14.97 24.39
N ASP A 279 0.05 -14.24 24.87
CA ASP A 279 -1.36 -14.48 24.52
C ASP A 279 -1.87 -13.78 23.27
N GLY A 280 -1.33 -12.60 22.97
CA GLY A 280 -1.87 -11.75 21.90
C GLY A 280 -2.95 -10.92 22.57
N ILE A 281 -3.09 -9.67 22.17
CA ILE A 281 -4.10 -8.76 22.77
C ILE A 281 -5.55 -9.24 22.62
N GLU A 282 -5.86 -9.90 21.48
CA GLU A 282 -7.23 -10.43 21.22
C GLU A 282 -7.70 -11.40 22.31
N ASN A 283 -6.87 -12.41 22.57
CA ASN A 283 -7.16 -13.45 23.58
C ASN A 283 -6.59 -13.18 24.99
N PHE A 284 -6.23 -11.94 25.26
CA PHE A 284 -5.67 -11.53 26.54
C PHE A 284 -6.70 -10.86 27.47
N SER A 285 -6.85 -11.45 28.65
CA SER A 285 -7.61 -10.90 29.75
C SER A 285 -6.68 -11.02 30.96
N LEU A 286 -6.93 -10.21 31.97
CA LEU A 286 -6.16 -10.24 33.21
C LEU A 286 -6.94 -9.46 34.25
N ASN A 287 -7.27 -10.12 35.35
CA ASN A 287 -7.97 -9.48 36.45
C ASN A 287 -6.98 -8.74 37.34
N MSE A 288 -7.47 -7.67 37.97
CA MSE A 288 -6.63 -6.86 38.86
CA MSE A 288 -6.66 -6.85 38.89
C MSE A 288 -6.12 -7.64 40.08
O MSE A 288 -5.07 -7.29 40.60
CB MSE A 288 -7.38 -5.59 39.32
CB MSE A 288 -7.41 -5.59 39.38
CG MSE A 288 -7.80 -4.65 38.18
CG MSE A 288 -7.14 -4.30 38.59
SE MSE A 288 -6.37 -4.16 36.97
SE MSE A 288 -5.45 -3.40 39.12
CE MSE A 288 -6.45 -5.64 35.70
CE MSE A 288 -5.82 -3.14 41.02
N GLU A 289 -6.86 -8.65 40.53
CA GLU A 289 -6.43 -9.48 41.67
C GLU A 289 -5.15 -10.25 41.31
N ASP A 290 -5.09 -10.86 40.12
CA ASP A 290 -3.88 -11.58 39.64
C ASP A 290 -2.75 -10.60 39.46
N LEU A 291 -3.03 -9.50 38.74
CA LEU A 291 -2.04 -8.46 38.52
C LEU A 291 -1.38 -7.99 39.81
N GLU A 292 -2.20 -7.72 40.82
CA GLU A 292 -1.70 -7.24 42.11
C GLU A 292 -0.85 -8.31 42.81
N ARG A 293 -1.33 -9.54 42.84
CA ARG A 293 -0.55 -10.63 43.47
C ARG A 293 0.79 -10.84 42.74
N GLU A 294 0.72 -10.98 41.42
CA GLU A 294 1.92 -11.10 40.57
C GLU A 294 2.89 -9.92 40.74
N THR A 295 2.36 -8.72 40.94
CA THR A 295 3.15 -7.52 41.18
C THR A 295 3.92 -7.58 42.50
N GLU A 296 3.29 -8.07 43.59
CA GLU A 296 3.98 -8.16 44.89
CA GLU A 296 3.97 -8.16 44.91
C GLU A 296 5.02 -9.28 44.89
N ASN A 297 4.72 -10.38 44.19
CA ASN A 297 5.67 -11.49 44.02
C ASN A 297 6.93 -10.91 43.36
N TYR A 298 6.74 -10.27 42.19
CA TYR A 298 7.82 -9.63 41.41
C TYR A 298 8.65 -8.70 42.28
N ARG A 299 7.97 -7.86 43.06
CA ARG A 299 8.57 -6.85 43.94
C ARG A 299 9.54 -7.48 44.96
N ARG A 300 9.09 -8.55 45.62
CA ARG A 300 9.90 -9.28 46.61
C ARG A 300 11.11 -9.98 45.98
N MSE A 301 10.91 -10.53 44.77
CA MSE A 301 11.96 -11.27 44.06
CA MSE A 301 11.96 -11.26 44.04
C MSE A 301 12.98 -10.31 43.40
O MSE A 301 14.17 -10.39 43.68
CB MSE A 301 11.35 -12.24 43.02
CB MSE A 301 11.35 -12.15 42.94
CG MSE A 301 10.35 -13.23 43.62
CG MSE A 301 12.36 -12.94 42.10
SE MSE A 301 9.39 -14.32 42.30
SE MSE A 301 11.57 -13.76 40.54
CE MSE A 301 10.17 -16.11 42.69
CE MSE A 301 10.98 -12.18 39.55
N PHE A 302 12.47 -9.42 42.54
CA PHE A 302 13.20 -8.42 41.70
C PHE A 302 13.61 -9.11 40.39
N MSE B 20 -26.23 -12.42 -29.86
CA MSE B 20 -24.74 -12.44 -29.73
C MSE B 20 -24.16 -11.03 -29.57
O MSE B 20 -24.49 -10.13 -30.35
CB MSE B 20 -24.10 -13.18 -30.91
CG MSE B 20 -22.66 -12.80 -31.28
SE MSE B 20 -21.87 -14.23 -32.26
CE MSE B 20 -21.05 -13.27 -33.73
N ARG B 21 -23.27 -10.89 -28.59
CA ARG B 21 -22.62 -9.62 -28.27
C ARG B 21 -21.32 -9.48 -29.08
N PHE B 22 -20.87 -8.24 -29.21
CA PHE B 22 -19.71 -7.91 -30.00
C PHE B 22 -18.37 -8.41 -29.46
N LEU B 23 -18.04 -8.03 -28.22
CA LEU B 23 -16.71 -8.30 -27.63
C LEU B 23 -16.70 -8.65 -26.13
N ALA B 24 -15.86 -9.63 -25.78
CA ALA B 24 -15.53 -10.00 -24.39
C ALA B 24 -14.04 -9.71 -24.29
N TYR B 25 -13.66 -8.79 -23.40
CA TYR B 25 -12.27 -8.35 -23.24
C TYR B 25 -11.72 -8.75 -21.86
N PHE B 26 -10.71 -9.62 -21.85
CA PHE B 26 -10.09 -10.15 -20.63
C PHE B 26 -8.77 -9.48 -20.33
N GLY B 27 -8.62 -9.00 -19.10
CA GLY B 27 -7.41 -8.31 -18.67
C GLY B 27 -7.43 -7.92 -17.20
N HIS B 28 -6.44 -7.10 -16.83
CA HIS B 28 -6.26 -6.63 -15.45
C HIS B 28 -6.83 -5.26 -15.22
N LEU B 29 -7.41 -5.06 -14.02
CA LEU B 29 -7.84 -3.76 -13.47
C LEU B 29 -6.78 -3.53 -12.36
N ASN B 30 -5.61 -3.10 -12.81
CA ASN B 30 -4.44 -2.94 -11.95
CA ASN B 30 -4.41 -2.95 -11.96
C ASN B 30 -4.38 -1.57 -11.28
N ILE B 31 -4.05 -1.54 -9.98
CA ILE B 31 -3.85 -0.29 -9.25
C ILE B 31 -2.34 -0.21 -9.05
N ASP B 32 -1.71 0.86 -9.55
CA ASP B 32 -0.28 1.09 -9.29
C ASP B 32 -0.21 2.08 -8.15
N VAL B 33 0.50 1.71 -7.08
CA VAL B 33 0.71 2.56 -5.92
C VAL B 33 2.10 3.13 -6.15
N LEU B 34 2.15 4.38 -6.61
CA LEU B 34 3.40 5.08 -6.96
C LEU B 34 4.00 5.74 -5.71
N ILE B 35 5.11 5.16 -5.25
CA ILE B 35 5.84 5.58 -4.05
C ILE B 35 7.10 6.33 -4.46
N SER B 36 7.09 7.66 -4.33
CA SER B 36 8.24 8.49 -4.70
C SER B 36 9.09 8.81 -3.48
N VAL B 37 10.39 8.49 -3.59
CA VAL B 37 11.40 8.75 -2.55
C VAL B 37 12.66 9.41 -3.17
N ASP B 38 13.47 10.08 -2.35
CA ASP B 38 14.75 10.67 -2.83
C ASP B 38 15.79 9.60 -3.19
N SER B 39 15.75 8.47 -2.48
CA SER B 39 16.68 7.36 -2.70
C SER B 39 16.13 6.08 -2.12
N ILE B 40 16.09 5.00 -2.93
CA ILE B 40 15.62 3.68 -2.46
C ILE B 40 16.76 3.04 -1.68
N PRO B 41 16.59 2.77 -0.36
CA PRO B 41 17.68 2.21 0.42
C PRO B 41 17.85 0.70 0.21
N ARG B 42 19.05 0.21 0.52
CA ARG B 42 19.36 -1.22 0.48
C ARG B 42 18.59 -1.91 1.61
N GLU B 43 18.54 -1.24 2.75
CA GLU B 43 17.80 -1.71 3.91
C GLU B 43 17.48 -0.52 4.83
N GLY B 44 16.42 -0.66 5.62
CA GLY B 44 15.96 0.40 6.52
C GLY B 44 14.87 1.23 5.86
N SER B 45 14.52 2.32 6.53
CA SER B 45 13.43 3.19 6.06
C SER B 45 13.89 4.40 5.25
N VAL B 46 12.91 4.95 4.54
CA VAL B 46 13.06 6.12 3.70
C VAL B 46 11.71 6.86 3.71
N ASN B 47 11.76 8.18 3.78
CA ASN B 47 10.55 9.00 3.78
C ASN B 47 9.95 9.05 2.36
N VAL B 48 8.63 8.95 2.26
CA VAL B 48 7.94 8.99 0.97
C VAL B 48 7.56 10.46 0.71
N LYS B 49 8.14 11.04 -0.35
CA LYS B 49 7.86 12.42 -0.78
C LYS B 49 6.43 12.56 -1.31
N ASP B 50 6.05 11.65 -2.22
CA ASP B 50 4.75 11.61 -2.87
C ASP B 50 4.21 10.17 -2.93
N LEU B 51 2.91 10.02 -2.66
CA LEU B 51 2.19 8.75 -2.71
C LEU B 51 0.87 8.98 -3.46
N ARG B 52 0.69 8.26 -4.57
CA ARG B 52 -0.58 8.33 -5.32
C ARG B 52 -0.92 7.05 -6.05
N PRO B 53 -2.21 6.79 -6.26
CA PRO B 53 -2.61 5.63 -7.04
C PRO B 53 -2.71 5.99 -8.53
N ARG B 54 -2.54 4.98 -9.38
CA ARG B 54 -2.81 5.12 -10.82
C ARG B 54 -3.62 3.88 -11.17
N PHE B 55 -4.86 4.09 -11.63
CA PHE B 55 -5.74 3.00 -12.05
C PHE B 55 -5.39 2.66 -13.50
N GLY B 56 -5.04 1.40 -13.75
CA GLY B 56 -4.62 0.97 -15.08
C GLY B 56 -4.81 -0.50 -15.35
N GLY B 57 -3.83 -1.11 -16.01
CA GLY B 57 -3.90 -2.51 -16.41
C GLY B 57 -4.51 -2.62 -17.80
N THR B 58 -4.34 -3.80 -18.38
CA THR B 58 -4.80 -4.08 -19.75
C THR B 58 -6.33 -3.89 -19.94
N ALA B 59 -7.13 -4.44 -19.04
CA ALA B 59 -8.61 -4.30 -19.13
C ALA B 59 -9.07 -2.88 -18.87
N GLY B 60 -8.48 -2.24 -17.86
CA GLY B 60 -8.83 -0.90 -17.46
C GLY B 60 -8.53 0.19 -18.46
N ASN B 61 -7.28 0.25 -18.93
CA ASN B 61 -6.90 1.25 -19.94
C ASN B 61 -7.68 1.11 -21.25
N PHE B 62 -8.01 -0.12 -21.64
CA PHE B 62 -8.81 -0.37 -22.83
C PHE B 62 -10.23 0.12 -22.60
N ALA B 63 -10.81 -0.33 -21.47
CA ALA B 63 -12.19 0.01 -21.13
C ALA B 63 -12.47 1.51 -21.09
N ILE B 64 -11.54 2.28 -20.53
CA ILE B 64 -11.65 3.75 -20.43
C ILE B 64 -11.68 4.42 -21.81
N VAL B 65 -10.76 4.02 -22.70
CA VAL B 65 -10.69 4.58 -24.06
C VAL B 65 -11.83 4.08 -24.93
N ALA B 66 -12.10 2.77 -24.90
CA ALA B 66 -13.19 2.17 -25.69
C ALA B 66 -14.55 2.77 -25.34
N GLN B 67 -14.79 3.02 -24.06
CA GLN B 67 -16.03 3.66 -23.60
C GLN B 67 -16.19 5.08 -24.16
N LYS B 68 -15.09 5.82 -24.38
CA LYS B 68 -15.16 7.18 -24.98
C LYS B 68 -15.71 7.16 -26.41
N PHE B 69 -15.48 6.05 -27.13
CA PHE B 69 -16.01 5.83 -28.49
C PHE B 69 -17.31 5.01 -28.52
N ARG B 70 -17.90 4.75 -27.35
CA ARG B 70 -19.14 3.99 -27.21
C ARG B 70 -19.13 2.61 -27.92
N ILE B 71 -17.97 1.93 -27.87
CA ILE B 71 -17.81 0.58 -28.41
C ILE B 71 -18.44 -0.38 -27.40
N PRO B 72 -19.38 -1.25 -27.82
CA PRO B 72 -20.01 -2.19 -26.88
C PRO B 72 -19.12 -3.40 -26.51
N PHE B 73 -18.60 -3.42 -25.29
CA PHE B 73 -17.77 -4.52 -24.78
C PHE B 73 -18.20 -4.99 -23.39
N ASP B 74 -17.89 -6.24 -23.09
CA ASP B 74 -18.10 -6.86 -21.79
C ASP B 74 -16.72 -7.09 -21.19
N LEU B 75 -16.39 -6.32 -20.15
CA LEU B 75 -15.10 -6.42 -19.49
C LEU B 75 -15.11 -7.59 -18.50
N TYR B 76 -14.22 -8.55 -18.69
CA TYR B 76 -14.06 -9.73 -17.83
C TYR B 76 -12.78 -9.58 -17.02
N SER B 77 -12.89 -9.52 -15.70
CA SER B 77 -11.74 -9.38 -14.82
C SER B 77 -12.08 -9.89 -13.41
N ALA B 78 -11.13 -9.73 -12.49
CA ALA B 78 -11.29 -10.15 -11.11
C ALA B 78 -10.58 -9.14 -10.24
N VAL B 79 -11.31 -8.57 -9.28
CA VAL B 79 -10.77 -7.56 -8.36
C VAL B 79 -11.04 -7.94 -6.90
N GLY B 80 -10.12 -7.53 -6.02
CA GLY B 80 -10.23 -7.75 -4.59
C GLY B 80 -10.84 -6.50 -3.99
N MSE B 81 -11.96 -6.66 -3.27
CA MSE B 81 -12.68 -5.52 -2.68
C MSE B 81 -11.95 -4.82 -1.52
O MSE B 81 -12.36 -3.73 -1.12
CB MSE B 81 -14.10 -5.92 -2.25
CG MSE B 81 -14.93 -6.53 -3.37
SE MSE B 81 -15.17 -5.32 -4.90
CE MSE B 81 -16.74 -4.37 -4.24
N LYS B 82 -10.89 -5.43 -1.01
CA LYS B 82 -10.05 -4.80 -0.01
C LYS B 82 -9.32 -3.57 -0.58
N THR B 83 -9.06 -3.54 -1.90
CA THR B 83 -8.34 -2.45 -2.56
C THR B 83 -8.98 -1.75 -3.76
N HIS B 84 -9.94 -2.41 -4.44
CA HIS B 84 -10.47 -1.94 -5.74
C HIS B 84 -11.83 -1.26 -5.79
N ARG B 85 -12.38 -0.84 -4.64
CA ARG B 85 -13.71 -0.19 -4.60
C ARG B 85 -13.76 1.17 -5.28
N GLU B 86 -12.74 2.02 -5.09
CA GLU B 86 -12.67 3.34 -5.77
C GLU B 86 -12.37 3.22 -7.29
N TYR B 87 -11.70 2.13 -7.71
CA TYR B 87 -11.46 1.85 -9.14
C TYR B 87 -12.80 1.53 -9.77
N LEU B 88 -13.53 0.54 -9.23
CA LEU B 88 -14.88 0.18 -9.73
C LEU B 88 -15.80 1.42 -9.79
N ALA B 89 -15.72 2.24 -8.74
CA ALA B 89 -16.47 3.51 -8.68
C ALA B 89 -16.18 4.40 -9.91
N MSE B 90 -14.90 4.51 -10.27
CA MSE B 90 -14.49 5.36 -11.39
C MSE B 90 -15.02 4.87 -12.74
O MSE B 90 -15.60 5.66 -13.47
CB MSE B 90 -12.97 5.50 -11.46
CG MSE B 90 -12.55 6.70 -12.27
SE MSE B 90 -10.71 6.68 -12.81
CE MSE B 90 -10.77 5.15 -14.05
N ILE B 91 -14.80 3.59 -13.05
CA ILE B 91 -15.25 3.01 -14.33
C ILE B 91 -16.80 2.98 -14.43
N GLU B 92 -17.47 2.76 -13.30
CA GLU B 92 -18.95 2.82 -13.23
C GLU B 92 -19.50 4.22 -13.52
N SER B 93 -18.79 5.25 -13.02
CA SER B 93 -19.17 6.67 -13.31
C SER B 93 -18.92 7.08 -14.77
N MSE B 94 -18.09 6.31 -15.49
CA MSE B 94 -17.88 6.49 -16.94
C MSE B 94 -18.90 5.70 -17.79
O MSE B 94 -18.90 5.83 -19.02
CB MSE B 94 -16.45 6.07 -17.31
CG MSE B 94 -15.39 6.96 -16.69
SE MSE B 94 -13.62 6.25 -16.96
CE MSE B 94 -12.61 7.71 -16.13
N GLY B 95 -19.75 4.89 -17.14
CA GLY B 95 -20.76 4.07 -17.80
C GLY B 95 -20.32 2.68 -18.19
N ILE B 96 -19.18 2.23 -17.67
CA ILE B 96 -18.64 0.90 -17.99
C ILE B 96 -19.31 -0.09 -17.04
N ASN B 97 -19.97 -1.10 -17.60
CA ASN B 97 -20.62 -2.16 -16.82
C ASN B 97 -19.56 -3.09 -16.24
N THR B 98 -19.65 -3.34 -14.93
CA THR B 98 -18.72 -4.22 -14.21
C THR B 98 -19.37 -5.56 -13.83
N GLY B 99 -20.36 -5.99 -14.59
CA GLY B 99 -21.12 -7.24 -14.34
C GLY B 99 -20.32 -8.52 -14.48
N HIS B 100 -19.33 -8.52 -15.37
CA HIS B 100 -18.42 -9.65 -15.57
C HIS B 100 -17.07 -9.49 -14.85
N VAL B 101 -16.93 -8.44 -14.02
CA VAL B 101 -15.75 -8.22 -13.19
C VAL B 101 -16.08 -8.93 -11.88
N GLU B 102 -15.36 -10.02 -11.61
CA GLU B 102 -15.53 -10.81 -10.41
C GLU B 102 -15.08 -9.99 -9.19
N LYS B 103 -15.87 -10.03 -8.12
CA LYS B 103 -15.66 -9.23 -6.93
C LYS B 103 -15.43 -10.14 -5.73
N PHE B 104 -14.16 -10.26 -5.33
CA PHE B 104 -13.72 -11.07 -4.17
C PHE B 104 -13.66 -10.18 -2.93
N GLU B 105 -14.60 -10.40 -2.00
CA GLU B 105 -14.68 -9.63 -0.74
C GLU B 105 -13.43 -9.72 0.13
N ASP B 106 -12.87 -10.93 0.25
CA ASP B 106 -11.67 -11.19 1.09
C ASP B 106 -10.33 -10.87 0.46
N GLU B 107 -10.26 -10.87 -0.86
CA GLU B 107 -9.02 -10.60 -1.58
C GLU B 107 -8.76 -9.11 -1.75
N SER B 108 -7.48 -8.81 -2.03
CA SER B 108 -7.03 -7.50 -2.44
C SER B 108 -6.45 -7.73 -3.85
N GLY B 109 -6.11 -6.66 -4.55
CA GLY B 109 -5.48 -6.75 -5.86
C GLY B 109 -6.37 -6.98 -7.07
N PRO B 110 -5.77 -7.01 -8.29
CA PRO B 110 -4.34 -6.88 -8.60
C PRO B 110 -3.79 -5.48 -8.30
N ILE B 111 -2.66 -5.43 -7.60
CA ILE B 111 -2.07 -4.19 -7.13
C ILE B 111 -0.56 -4.25 -7.18
N CYS B 112 0.05 -3.16 -7.64
CA CYS B 112 1.50 -3.09 -7.78
C CYS B 112 2.06 -1.89 -7.01
N TYR B 113 2.95 -2.16 -6.06
CA TYR B 113 3.61 -1.12 -5.25
C TYR B 113 4.93 -0.78 -5.94
N ILE B 114 5.01 0.42 -6.55
CA ILE B 114 6.18 0.87 -7.34
C ILE B 114 6.96 1.97 -6.60
N ALA B 115 8.13 1.60 -6.09
CA ALA B 115 9.03 2.51 -5.38
C ALA B 115 9.96 3.09 -6.44
N THR B 116 10.04 4.43 -6.52
CA THR B 116 10.82 5.15 -7.53
C THR B 116 11.61 6.30 -6.95
N ASP B 117 12.82 6.54 -7.48
CA ASP B 117 13.62 7.72 -7.13
C ASP B 117 14.12 8.51 -8.37
N GLY B 118 13.56 8.24 -9.55
CA GLY B 118 13.93 8.87 -10.82
C GLY B 118 14.95 8.00 -11.54
N LYS B 119 16.12 7.86 -10.90
CA LYS B 119 17.22 7.02 -11.40
C LYS B 119 16.92 5.51 -11.43
N LYS B 120 16.11 5.04 -10.48
CA LYS B 120 15.86 3.62 -10.24
C LYS B 120 14.43 3.34 -9.78
N GLN B 121 13.96 2.11 -10.02
CA GLN B 121 12.59 1.68 -9.69
C GLN B 121 12.48 0.21 -9.25
N VAL B 122 11.65 -0.07 -8.24
CA VAL B 122 11.37 -1.46 -7.80
C VAL B 122 9.85 -1.66 -7.70
N SER B 123 9.34 -2.76 -8.28
CA SER B 123 7.91 -3.10 -8.27
C SER B 123 7.59 -4.39 -7.47
N PHE B 124 6.51 -4.34 -6.68
CA PHE B 124 6.06 -5.49 -5.90
C PHE B 124 4.65 -5.78 -6.39
N MSE B 125 4.52 -6.77 -7.28
CA MSE B 125 3.24 -7.12 -7.94
C MSE B 125 2.48 -8.14 -7.16
O MSE B 125 3.00 -9.24 -6.93
CB MSE B 125 3.51 -7.69 -9.36
CG MSE B 125 2.23 -8.10 -10.14
SE MSE B 125 1.12 -6.58 -10.59
CE MSE B 125 -0.68 -7.33 -10.55
N HIS B 126 1.25 -7.80 -6.78
CA HIS B 126 0.33 -8.69 -6.08
C HIS B 126 -0.89 -8.97 -6.94
N GLN B 127 -0.95 -10.15 -7.53
CA GLN B 127 -2.09 -10.58 -8.36
C GLN B 127 -3.40 -10.63 -7.55
N GLY B 128 -3.34 -11.22 -6.36
CA GLY B 128 -4.46 -11.27 -5.44
C GLY B 128 -5.68 -11.92 -6.05
N ALA B 129 -6.75 -11.12 -6.26
CA ALA B 129 -8.01 -11.62 -6.85
C ALA B 129 -7.82 -12.30 -8.21
N MSE B 130 -6.84 -11.82 -8.99
CA MSE B 130 -6.51 -12.41 -10.29
C MSE B 130 -5.93 -13.80 -10.18
O MSE B 130 -6.11 -14.57 -11.10
CB MSE B 130 -5.59 -11.50 -11.11
CG MSE B 130 -6.28 -10.24 -11.59
SE MSE B 130 -7.65 -10.60 -12.94
CE MSE B 130 -6.53 -10.84 -14.52
N ALA B 131 -5.23 -14.10 -9.08
CA ALA B 131 -4.70 -15.45 -8.80
C ALA B 131 -5.76 -16.43 -8.27
N ALA B 132 -6.90 -15.93 -7.80
CA ALA B 132 -8.03 -16.76 -7.33
C ALA B 132 -9.16 -16.91 -8.36
N TRP B 133 -9.03 -16.28 -9.52
CA TRP B 133 -10.07 -16.23 -10.54
C TRP B 133 -10.10 -17.47 -11.44
N ALA B 134 -11.29 -18.04 -11.59
CA ALA B 134 -11.59 -19.15 -12.48
C ALA B 134 -12.58 -18.57 -13.49
N PRO B 135 -12.08 -17.96 -14.60
CA PRO B 135 -13.01 -17.37 -15.55
C PRO B 135 -13.90 -18.38 -16.30
N GLN B 136 -15.19 -18.03 -16.40
CA GLN B 136 -16.19 -18.76 -17.17
C GLN B 136 -16.75 -17.72 -18.16
N LEU B 137 -16.85 -18.09 -19.43
CA LEU B 137 -17.36 -17.17 -20.45
C LEU B 137 -18.86 -17.44 -20.53
N ALA B 138 -19.66 -16.45 -20.09
CA ALA B 138 -21.12 -16.57 -20.03
C ALA B 138 -21.83 -16.70 -21.39
N ASP B 139 -21.85 -15.59 -22.14
CA ASP B 139 -22.55 -15.50 -23.43
C ASP B 139 -21.65 -15.92 -24.59
N GLU B 140 -22.24 -15.91 -25.80
CA GLU B 140 -21.51 -16.10 -27.05
C GLU B 140 -21.10 -14.71 -27.48
N TYR B 141 -19.86 -14.58 -27.96
CA TYR B 141 -19.31 -13.31 -28.42
C TYR B 141 -18.71 -13.46 -29.80
N GLU B 142 -18.79 -12.40 -30.60
CA GLU B 142 -18.18 -12.44 -31.93
C GLU B 142 -16.66 -12.44 -31.79
N TYR B 143 -16.16 -11.52 -30.96
CA TYR B 143 -14.73 -11.40 -30.65
C TYR B 143 -14.48 -11.64 -29.19
N VAL B 144 -13.37 -12.31 -28.89
CA VAL B 144 -12.93 -12.49 -27.50
C VAL B 144 -11.44 -12.13 -27.47
N HIS B 145 -11.11 -11.15 -26.64
CA HIS B 145 -9.75 -10.65 -26.52
C HIS B 145 -9.15 -11.16 -25.21
N PHE B 146 -8.15 -12.02 -25.31
CA PHE B 146 -7.45 -12.57 -24.17
C PHE B 146 -6.11 -11.87 -23.99
N SER B 147 -6.01 -10.99 -22.99
CA SER B 147 -4.75 -10.27 -22.72
C SER B 147 -4.06 -10.93 -21.53
N THR B 148 -3.92 -10.21 -20.42
CA THR B 148 -3.26 -10.73 -19.22
C THR B 148 -4.27 -11.36 -18.28
N GLY B 149 -3.79 -12.29 -17.47
CA GLY B 149 -4.61 -12.99 -16.47
C GLY B 149 -4.29 -14.48 -16.46
N PRO B 150 -5.21 -15.32 -15.93
CA PRO B 150 -5.02 -16.78 -15.90
C PRO B 150 -4.76 -17.43 -17.26
N ASN B 151 -4.43 -18.73 -17.23
CA ASN B 151 -4.18 -19.46 -18.48
C ASN B 151 -5.53 -19.55 -19.18
N TYR B 152 -5.70 -18.66 -20.15
CA TYR B 152 -6.90 -18.52 -20.95
C TYR B 152 -7.02 -19.53 -22.11
N LEU B 153 -5.98 -20.33 -22.34
CA LEU B 153 -5.97 -21.29 -23.46
C LEU B 153 -7.08 -22.34 -23.38
N ASP B 154 -7.43 -22.81 -22.17
CA ASP B 154 -8.53 -23.79 -21.98
C ASP B 154 -9.87 -23.21 -22.48
N MSE B 155 -10.12 -21.92 -22.19
CA MSE B 155 -11.31 -21.23 -22.73
C MSE B 155 -11.23 -21.05 -24.24
O MSE B 155 -12.19 -21.40 -24.94
CB MSE B 155 -11.48 -19.85 -22.10
CG MSE B 155 -12.16 -19.87 -20.76
SE MSE B 155 -12.41 -18.04 -20.15
CE MSE B 155 -13.18 -17.21 -21.70
N ALA B 156 -10.10 -20.52 -24.72
CA ALA B 156 -9.86 -20.25 -26.15
C ALA B 156 -10.09 -21.46 -27.04
N LYS B 157 -9.57 -22.62 -26.61
CA LYS B 157 -9.75 -23.91 -27.30
C LYS B 157 -11.22 -24.24 -27.58
N SER B 158 -12.07 -24.06 -26.56
CA SER B 158 -13.50 -24.42 -26.65
C SER B 158 -14.41 -23.50 -27.47
N ILE B 159 -14.15 -22.19 -27.49
CA ILE B 159 -15.04 -21.22 -28.18
C ILE B 159 -14.87 -21.14 -29.70
N ARG B 160 -15.95 -20.73 -30.38
CA ARG B 160 -15.95 -20.52 -31.84
C ARG B 160 -15.74 -19.05 -32.27
N SER B 161 -15.59 -18.13 -31.31
CA SER B 161 -15.40 -16.69 -31.58
C SER B 161 -14.11 -16.39 -32.31
N LYS B 162 -14.01 -15.16 -32.85
CA LYS B 162 -12.75 -14.68 -33.43
C LYS B 162 -11.88 -14.31 -32.21
N ILE B 163 -10.81 -15.05 -31.99
CA ILE B 163 -9.95 -14.88 -30.82
C ILE B 163 -8.78 -13.94 -31.13
N ILE B 164 -8.56 -12.97 -30.25
CA ILE B 164 -7.40 -12.08 -30.33
C ILE B 164 -6.50 -12.47 -29.13
N PHE B 165 -5.32 -12.99 -29.45
CA PHE B 165 -4.31 -13.43 -28.48
C PHE B 165 -3.36 -12.26 -28.25
N ASP B 166 -3.32 -11.77 -27.02
CA ASP B 166 -2.59 -10.55 -26.64
C ASP B 166 -1.84 -10.81 -25.31
N PRO B 167 -0.89 -11.78 -25.29
CA PRO B 167 -0.23 -12.23 -24.04
C PRO B 167 0.46 -11.13 -23.21
N SER B 168 0.96 -10.10 -23.87
CA SER B 168 1.58 -8.93 -23.24
CA SER B 168 1.56 -8.92 -23.23
C SER B 168 2.74 -9.32 -22.30
N GLN B 169 2.82 -8.80 -21.07
CA GLN B 169 3.93 -9.10 -20.13
C GLN B 169 3.98 -10.55 -19.63
N GLU B 170 2.87 -11.28 -19.79
CA GLU B 170 2.77 -12.67 -19.38
C GLU B 170 3.11 -13.68 -20.47
N ILE B 171 3.75 -13.23 -21.57
CA ILE B 171 4.20 -14.12 -22.67
C ILE B 171 5.01 -15.32 -22.15
N HIS B 172 5.87 -15.05 -21.16
CA HIS B 172 6.76 -16.05 -20.55
C HIS B 172 6.08 -17.19 -19.80
N LYS B 173 4.84 -17.01 -19.33
CA LYS B 173 4.16 -18.09 -18.58
C LYS B 173 3.71 -19.26 -19.44
N TYR B 174 3.48 -19.03 -20.74
CA TYR B 174 3.03 -20.08 -21.68
C TYR B 174 4.23 -20.88 -22.20
N SER B 175 4.07 -22.20 -22.36
CA SER B 175 5.11 -23.07 -22.92
C SER B 175 5.18 -22.86 -24.43
N LYS B 176 6.20 -23.44 -25.05
CA LYS B 176 6.41 -23.37 -26.51
C LYS B 176 5.19 -23.85 -27.30
N ASP B 177 4.63 -24.99 -26.87
CA ASP B 177 3.43 -25.57 -27.49
C ASP B 177 2.17 -24.75 -27.23
N GLU B 178 2.04 -24.18 -26.02
CA GLU B 178 0.88 -23.33 -25.68
C GLU B 178 0.87 -22.06 -26.53
N LEU B 179 2.03 -21.40 -26.66
CA LEU B 179 2.20 -20.21 -27.52
C LEU B 179 1.84 -20.49 -28.97
N LYS B 180 2.33 -21.60 -29.52
CA LYS B 180 2.02 -21.99 -30.91
C LYS B 180 0.53 -22.27 -31.10
N LYS B 181 -0.08 -22.95 -30.12
CA LYS B 181 -1.50 -23.31 -30.16
C LYS B 181 -2.39 -22.08 -30.14
N PHE B 182 -2.21 -21.25 -29.10
CA PHE B 182 -3.00 -20.02 -28.91
C PHE B 182 -2.90 -19.14 -30.17
N HIS B 183 -1.69 -19.03 -30.71
CA HIS B 183 -1.39 -18.26 -31.91
C HIS B 183 -2.10 -18.82 -33.14
N GLU B 184 -1.99 -20.14 -33.34
CA GLU B 184 -2.64 -20.81 -34.48
C GLU B 184 -4.17 -20.69 -34.45
N ILE B 185 -4.77 -20.80 -33.27
CA ILE B 185 -6.23 -20.69 -33.15
C ILE B 185 -6.74 -19.25 -33.18
N SER B 186 -5.86 -18.26 -33.01
CA SER B 186 -6.28 -16.87 -33.00
C SER B 186 -6.64 -16.35 -34.40
N TYR B 187 -7.60 -15.43 -34.40
CA TYR B 187 -8.01 -14.69 -35.57
C TYR B 187 -6.90 -13.66 -35.85
N MSE B 188 -6.41 -13.07 -34.75
CA MSE B 188 -5.25 -12.20 -34.78
C MSE B 188 -4.44 -12.36 -33.49
O MSE B 188 -4.99 -12.67 -32.45
CB MSE B 188 -5.62 -10.72 -34.96
CG MSE B 188 -6.11 -10.38 -36.36
SE MSE B 188 -6.34 -8.48 -36.63
CE MSE B 188 -7.65 -8.16 -35.24
N SER B 189 -3.13 -12.20 -33.61
CA SER B 189 -2.21 -12.15 -32.46
C SER B 189 -1.67 -10.74 -32.43
N ILE B 190 -1.41 -10.24 -31.22
CA ILE B 190 -0.85 -8.90 -31.05
C ILE B 190 0.27 -8.96 -30.00
N PHE B 191 1.35 -8.24 -30.30
CA PHE B 191 2.56 -8.15 -29.46
C PHE B 191 3.19 -6.79 -29.59
N ASN B 192 4.06 -6.45 -28.63
CA ASN B 192 4.98 -5.31 -28.79
C ASN B 192 6.23 -5.94 -29.34
N ASP B 193 7.25 -5.13 -29.64
CA ASP B 193 8.50 -5.64 -30.26
C ASP B 193 9.21 -6.69 -29.39
N HIS B 194 9.32 -6.42 -28.09
CA HIS B 194 9.99 -7.35 -27.18
C HIS B 194 9.28 -8.70 -27.08
N GLU B 195 7.96 -8.65 -26.96
CA GLU B 195 7.15 -9.88 -26.84
C GLU B 195 7.17 -10.72 -28.12
N TYR B 196 7.28 -10.06 -29.28
CA TYR B 196 7.38 -10.75 -30.58
C TYR B 196 8.71 -11.52 -30.68
N ARG B 197 9.80 -10.92 -30.19
CA ARG B 197 11.13 -11.59 -30.10
C ARG B 197 11.03 -12.83 -29.21
N VAL B 198 10.46 -12.64 -28.01
CA VAL B 198 10.20 -13.71 -27.02
C VAL B 198 9.37 -14.82 -27.68
N PHE B 199 8.31 -14.42 -28.40
CA PHE B 199 7.42 -15.36 -29.12
C PHE B 199 8.16 -16.21 -30.18
N ARG B 200 8.93 -15.55 -31.04
CA ARG B 200 9.69 -16.26 -32.10
C ARG B 200 10.72 -17.24 -31.54
N GLU B 201 11.40 -16.85 -30.46
CA GLU B 201 12.42 -17.70 -29.83
C GLU B 201 11.83 -18.94 -29.11
N MSE B 202 10.73 -18.75 -28.38
CA MSE B 202 10.04 -19.84 -27.66
CA MSE B 202 10.05 -19.84 -27.69
C MSE B 202 9.40 -20.84 -28.63
O MSE B 202 9.50 -22.06 -28.42
CB MSE B 202 8.97 -19.31 -26.67
CB MSE B 202 8.99 -19.33 -26.69
CG MSE B 202 9.51 -18.72 -25.35
CG MSE B 202 9.55 -18.71 -25.43
SE MSE B 202 8.11 -18.01 -24.14
SE MSE B 202 10.52 -20.03 -24.36
CE MSE B 202 7.58 -16.55 -25.26
CE MSE B 202 12.34 -19.84 -25.07
N THR B 203 8.74 -20.34 -29.67
CA THR B 203 8.05 -21.19 -30.66
C THR B 203 8.91 -21.68 -31.84
N GLY B 204 10.04 -21.02 -32.10
CA GLY B 204 10.88 -21.34 -33.25
C GLY B 204 10.31 -20.91 -34.60
N LEU B 205 9.27 -20.07 -34.60
CA LEU B 205 8.61 -19.57 -35.81
C LEU B 205 9.32 -18.30 -36.26
N SER B 206 9.79 -18.25 -37.50
CA SER B 206 10.49 -17.06 -38.06
C SER B 206 9.51 -15.94 -38.44
N SER B 207 8.32 -16.30 -38.91
CA SER B 207 7.25 -15.36 -39.25
C SER B 207 5.89 -15.90 -38.74
N PRO B 208 4.85 -15.04 -38.66
CA PRO B 208 3.57 -15.53 -38.12
C PRO B 208 2.78 -16.50 -39.00
N LYS B 209 1.93 -17.30 -38.34
CA LYS B 209 1.01 -18.27 -38.96
C LYS B 209 -0.40 -17.69 -39.19
N VAL B 210 -0.74 -16.63 -38.45
CA VAL B 210 -2.02 -15.91 -38.57
C VAL B 210 -1.74 -14.41 -38.62
N THR B 211 -2.74 -13.63 -39.00
CA THR B 211 -2.56 -12.17 -39.07
C THR B 211 -2.07 -11.66 -37.70
N THR B 212 -0.97 -10.90 -37.72
CA THR B 212 -0.33 -10.43 -36.49
C THR B 212 0.04 -8.94 -36.55
N ILE B 213 -0.22 -8.24 -35.45
CA ILE B 213 0.10 -6.82 -35.28
C ILE B 213 1.31 -6.79 -34.32
N VAL B 214 2.35 -6.05 -34.68
CA VAL B 214 3.51 -5.87 -33.78
C VAL B 214 3.73 -4.38 -33.62
N THR B 215 3.48 -3.88 -32.42
CA THR B 215 3.63 -2.47 -32.09
C THR B 215 5.08 -2.20 -31.71
N ASN B 216 5.55 -0.97 -31.96
CA ASN B 216 6.93 -0.58 -31.62
C ASN B 216 7.02 0.91 -31.20
N GLY B 217 6.17 1.27 -30.23
CA GLY B 217 6.10 2.62 -29.62
C GLY B 217 6.18 3.81 -30.57
N GLU B 218 7.16 4.69 -30.33
CA GLU B 218 7.42 5.89 -31.18
C GLU B 218 7.64 5.54 -32.67
N ARG B 219 8.22 4.36 -32.94
CA ARG B 219 8.44 3.89 -34.33
C ARG B 219 7.16 3.36 -35.03
N GLY B 220 6.00 3.39 -34.36
CA GLY B 220 4.71 2.99 -34.96
C GLY B 220 4.36 1.54 -34.75
N SER B 221 3.79 0.90 -35.78
CA SER B 221 3.38 -0.52 -35.72
C SER B 221 3.44 -1.21 -37.08
N SER B 222 3.39 -2.54 -37.05
CA SER B 222 3.42 -3.36 -38.26
C SER B 222 2.29 -4.38 -38.27
N LEU B 223 1.72 -4.63 -39.45
CA LEU B 223 0.68 -5.61 -39.66
C LEU B 223 1.27 -6.66 -40.58
N PHE B 224 1.33 -7.90 -40.09
CA PHE B 224 1.79 -9.06 -40.84
C PHE B 224 0.51 -9.71 -41.32
N MSE B 225 0.30 -9.68 -42.64
CA MSE B 225 -0.91 -10.24 -43.26
C MSE B 225 -0.63 -10.69 -44.70
O MSE B 225 -0.02 -9.94 -45.46
CB MSE B 225 -2.02 -9.19 -43.23
CG MSE B 225 -3.38 -9.70 -43.70
SE MSE B 225 -4.75 -8.34 -43.48
CE MSE B 225 -4.11 -6.97 -44.69
N ASP B 226 -1.07 -11.91 -45.04
CA ASP B 226 -0.87 -12.52 -46.38
C ASP B 226 0.60 -12.57 -46.84
N GLY B 227 1.47 -12.99 -45.91
CA GLY B 227 2.92 -13.06 -46.15
C GLY B 227 3.62 -11.74 -46.43
N LYS B 228 2.99 -10.63 -46.03
CA LYS B 228 3.51 -9.28 -46.24
C LYS B 228 3.51 -8.52 -44.92
N LYS B 229 4.36 -7.50 -44.85
CA LYS B 229 4.53 -6.65 -43.67
C LYS B 229 4.10 -5.26 -44.09
N TYR B 230 3.05 -4.72 -43.46
CA TYR B 230 2.54 -3.38 -43.75
C TYR B 230 2.87 -2.50 -42.55
N ASP B 231 3.76 -1.52 -42.76
CA ASP B 231 4.24 -0.64 -41.70
C ASP B 231 3.35 0.60 -41.60
N PHE B 232 3.03 0.99 -40.37
CA PHE B 232 2.20 2.16 -40.04
C PHE B 232 2.97 3.05 -39.06
N PRO B 233 3.77 4.01 -39.57
CA PRO B 233 4.52 4.93 -38.69
C PRO B 233 3.62 5.73 -37.74
N ALA B 234 4.05 5.91 -36.50
CA ALA B 234 3.28 6.69 -35.52
C ALA B 234 3.19 8.19 -35.92
N ILE B 235 2.20 8.87 -35.34
CA ILE B 235 1.95 10.30 -35.54
C ILE B 235 2.74 10.96 -34.41
N PRO B 236 3.72 11.85 -34.72
CA PRO B 236 4.55 12.48 -33.69
C PRO B 236 3.75 13.03 -32.48
N SER B 237 4.04 12.50 -31.29
CA SER B 237 3.34 12.85 -30.05
C SER B 237 4.29 13.25 -28.91
N SER B 238 3.73 13.91 -27.91
CA SER B 238 4.46 14.30 -26.68
C SER B 238 3.47 14.38 -25.52
N GLY B 239 3.64 13.52 -24.52
CA GLY B 239 2.77 13.50 -23.36
C GLY B 239 2.91 12.19 -22.59
N ASP B 240 1.87 11.85 -21.83
CA ASP B 240 1.85 10.60 -21.06
C ASP B 240 1.58 9.41 -22.01
N THR B 241 2.56 8.51 -22.11
CA THR B 241 2.51 7.28 -22.95
C THR B 241 1.79 6.11 -22.26
N VAL B 242 1.40 6.25 -20.98
CA VAL B 242 0.71 5.18 -20.25
C VAL B 242 -0.65 4.91 -20.91
N GLY B 243 -0.84 3.64 -21.29
CA GLY B 243 -2.05 3.19 -21.99
C GLY B 243 -2.06 3.39 -23.50
N ALA B 244 -0.96 3.87 -24.10
CA ALA B 244 -0.89 4.11 -25.57
C ALA B 244 -1.27 2.88 -26.42
N GLY B 245 -0.77 1.71 -26.01
CA GLY B 245 -1.09 0.45 -26.64
C GLY B 245 -2.56 0.08 -26.48
N ASP B 246 -3.17 0.43 -25.35
CA ASP B 246 -4.60 0.16 -25.09
C ASP B 246 -5.51 1.09 -25.88
N SER B 247 -5.07 2.33 -26.09
CA SER B 247 -5.78 3.28 -26.94
C SER B 247 -5.78 2.77 -28.40
N PHE B 248 -4.62 2.26 -28.84
CA PHE B 248 -4.42 1.68 -30.17
C PHE B 248 -5.41 0.52 -30.40
N ARG B 249 -5.50 -0.36 -29.40
CA ARG B 249 -6.46 -1.48 -29.41
C ARG B 249 -7.92 -1.00 -29.48
N ALA B 250 -8.27 0.08 -28.77
CA ALA B 250 -9.62 0.66 -28.84
C ALA B 250 -9.94 1.16 -30.26
N GLY B 251 -8.94 1.70 -30.96
CA GLY B 251 -9.09 2.12 -32.35
C GLY B 251 -9.22 0.95 -33.31
N LEU B 252 -8.52 -0.14 -33.01
CA LEU B 252 -8.61 -1.39 -33.78
C LEU B 252 -10.02 -1.94 -33.66
N TYR B 253 -10.55 -2.01 -32.44
CA TYR B 253 -11.92 -2.49 -32.22
C TYR B 253 -13.00 -1.53 -32.71
N LEU B 254 -12.68 -0.24 -32.83
CA LEU B 254 -13.60 0.76 -33.40
C LEU B 254 -13.86 0.43 -34.88
N ALA B 255 -12.79 0.11 -35.61
CA ALA B 255 -12.88 -0.28 -37.02
C ALA B 255 -13.59 -1.62 -37.16
N LEU B 256 -13.26 -2.58 -36.29
CA LEU B 256 -13.93 -3.90 -36.32
C LEU B 256 -15.42 -3.80 -36.02
N TYR B 257 -15.79 -2.96 -35.05
CA TYR B 257 -17.20 -2.70 -34.70
C TYR B 257 -17.98 -2.10 -35.88
N ASN B 258 -17.35 -1.13 -36.55
CA ASN B 258 -17.92 -0.47 -37.74
C ASN B 258 -17.70 -1.23 -39.06
N ARG B 259 -17.24 -2.49 -38.98
CA ARG B 259 -17.06 -3.37 -40.14
C ARG B 259 -16.07 -2.87 -41.19
N ARG B 260 -15.07 -2.11 -40.73
CA ARG B 260 -14.03 -1.60 -41.61
C ARG B 260 -12.94 -2.65 -41.71
N SER B 261 -12.02 -2.40 -42.63
CA SER B 261 -10.89 -3.29 -42.87
C SER B 261 -9.87 -3.20 -41.74
N ILE B 262 -8.95 -4.17 -41.72
CA ILE B 262 -7.86 -4.18 -40.75
CA ILE B 262 -7.88 -4.17 -40.71
C ILE B 262 -6.95 -2.96 -40.93
N GLU B 263 -6.64 -2.60 -42.19
CA GLU B 263 -5.80 -1.41 -42.49
C GLU B 263 -6.40 -0.18 -41.79
N LYS B 264 -7.73 -0.02 -41.90
CA LYS B 264 -8.49 1.05 -41.27
C LYS B 264 -8.27 1.03 -39.75
N GLY B 265 -8.36 -0.16 -39.14
CA GLY B 265 -8.12 -0.37 -37.71
C GLY B 265 -6.75 0.08 -37.22
N MSE B 266 -5.72 -0.23 -38.01
CA MSE B 266 -4.33 0.18 -37.72
C MSE B 266 -4.20 1.71 -37.69
O MSE B 266 -3.52 2.26 -36.82
CB MSE B 266 -3.36 -0.37 -38.81
CG MSE B 266 -3.32 -1.88 -38.98
SE MSE B 266 -2.68 -2.80 -37.42
CE MSE B 266 -0.78 -2.36 -37.58
N ILE B 267 -4.86 2.37 -38.64
CA ILE B 267 -4.85 3.84 -38.75
C ILE B 267 -5.65 4.46 -37.58
N TYR B 268 -6.88 3.96 -37.39
CA TYR B 268 -7.75 4.34 -36.26
C TYR B 268 -7.01 4.25 -34.92
N GLY B 269 -6.30 3.14 -34.72
CA GLY B 269 -5.46 2.92 -33.53
C GLY B 269 -4.31 3.92 -33.39
N THR B 270 -3.63 4.19 -34.51
CA THR B 270 -2.50 5.15 -34.53
C THR B 270 -2.98 6.59 -34.19
N ILE B 271 -4.16 6.96 -34.71
CA ILE B 271 -4.75 8.28 -34.47
C ILE B 271 -5.30 8.43 -33.05
N ILE B 272 -6.05 7.44 -32.57
CA ILE B 272 -6.65 7.49 -31.21
C ILE B 272 -5.56 7.51 -30.14
N ALA B 273 -4.49 6.73 -30.35
CA ALA B 273 -3.32 6.69 -29.44
C ALA B 273 -2.70 8.07 -29.33
N HIS B 274 -2.39 8.66 -30.49
CA HIS B 274 -1.82 10.01 -30.61
C HIS B 274 -2.65 11.07 -29.86
N HIS B 275 -3.96 11.07 -30.07
CA HIS B 275 -4.88 12.02 -29.40
C HIS B 275 -4.94 11.91 -27.87
N VAL B 276 -4.83 10.68 -27.36
CA VAL B 276 -4.81 10.43 -25.92
C VAL B 276 -3.48 10.91 -25.32
N ILE B 277 -2.36 10.71 -26.02
CA ILE B 277 -1.04 11.17 -25.54
C ILE B 277 -1.02 12.70 -25.51
N ASP B 278 -1.31 13.33 -26.64
CA ASP B 278 -1.36 14.79 -26.74
C ASP B 278 -2.51 15.41 -25.92
N ASP B 279 -3.75 15.30 -26.43
CA ASP B 279 -4.92 15.95 -25.81
C ASP B 279 -5.38 15.43 -24.42
N GLY B 280 -4.89 14.26 -23.99
CA GLY B 280 -5.26 13.68 -22.68
C GLY B 280 -6.61 12.98 -22.73
N ILE B 281 -6.74 11.89 -21.95
CA ILE B 281 -7.97 11.07 -21.93
C ILE B 281 -9.20 11.83 -21.38
N GLU B 282 -9.04 12.53 -20.26
CA GLU B 282 -10.12 13.31 -19.65
C GLU B 282 -10.28 14.65 -20.35
N LEU B 286 -13.63 12.93 -29.62
CA LEU B 286 -13.37 12.83 -31.05
C LEU B 286 -14.62 12.36 -31.80
N ASN B 287 -15.08 13.16 -32.76
CA ASN B 287 -16.25 12.86 -33.59
C ASN B 287 -15.92 11.78 -34.63
N MSE B 288 -16.95 11.01 -35.02
CA MSE B 288 -16.78 9.92 -35.99
C MSE B 288 -16.45 10.46 -37.39
O MSE B 288 -15.69 9.84 -38.13
CB MSE B 288 -18.03 9.02 -36.04
CG MSE B 288 -17.77 7.57 -36.48
SE MSE B 288 -16.56 6.54 -35.30
CE MSE B 288 -17.28 7.00 -33.52
N GLU B 289 -17.02 11.63 -37.74
CA GLU B 289 -16.72 12.32 -39.00
C GLU B 289 -15.29 12.87 -39.01
N ASP B 290 -14.84 13.41 -37.86
CA ASP B 290 -13.46 13.90 -37.69
C ASP B 290 -12.44 12.77 -37.84
N LEU B 291 -12.73 11.60 -37.25
CA LEU B 291 -11.86 10.43 -37.36
C LEU B 291 -11.75 9.92 -38.80
N GLU B 292 -12.88 9.91 -39.53
CA GLU B 292 -12.92 9.45 -40.92
C GLU B 292 -12.10 10.35 -41.86
N ARG B 293 -12.08 11.66 -41.59
CA ARG B 293 -11.28 12.63 -42.38
C ARG B 293 -9.80 12.57 -41.99
N GLU B 294 -9.49 12.56 -40.69
CA GLU B 294 -8.09 12.38 -40.21
C GLU B 294 -7.47 11.06 -40.69
N THR B 295 -8.30 10.01 -40.78
CA THR B 295 -7.89 8.70 -41.31
C THR B 295 -7.52 8.81 -42.78
N GLU B 296 -8.33 9.58 -43.54
CA GLU B 296 -8.08 9.85 -44.96
C GLU B 296 -6.82 10.70 -45.16
N ASN B 297 -6.59 11.68 -44.28
CA ASN B 297 -5.38 12.51 -44.33
C ASN B 297 -4.10 11.76 -43.92
N TYR B 298 -4.24 10.71 -43.10
CA TYR B 298 -3.10 9.84 -42.72
C TYR B 298 -2.68 9.01 -43.94
N ARG B 299 -3.64 8.42 -44.66
CA ARG B 299 -3.39 7.64 -45.89
C ARG B 299 -2.51 8.37 -46.92
N ARG B 300 -2.68 9.68 -47.03
CA ARG B 300 -1.91 10.54 -47.94
C ARG B 300 -0.75 11.21 -47.20
N MSE B 301 0.04 10.40 -46.47
CA MSE B 301 1.21 10.86 -45.68
C MSE B 301 0.84 11.81 -44.54
O MSE B 301 1.70 12.33 -43.83
CB MSE B 301 2.27 11.52 -46.59
C1 PGO C . 7.37 13.57 11.22
C2 PGO C . 6.06 14.04 11.83
C3 PGO C . 4.84 13.92 10.92
O1 PGO C . 8.41 13.72 12.20
O2 PGO C . 5.85 13.27 13.02
C1 PGO D . 15.03 2.59 17.61
C2 PGO D . 15.65 3.98 17.52
C3 PGO D . 16.28 4.29 16.16
O1 PGO D . 15.96 1.67 18.21
O2 PGO D . 14.67 4.97 17.72
C1 PGO E . 10.34 -3.23 26.78
C2 PGO E . 10.09 -3.86 28.15
C3 PGO E . 8.60 -4.10 28.38
O1 PGO E . 9.81 -4.04 25.73
O2 PGO E . 10.81 -5.10 28.22
P PO4 F . -12.32 -0.05 -45.86
O1 PO4 F . -12.18 -1.31 -46.64
O2 PO4 F . -11.35 0.97 -46.41
O3 PO4 F . -13.74 0.47 -45.90
O4 PO4 F . -11.99 -0.30 -44.41
C1 PGO G . -3.47 -4.37 2.34
C2 PGO G . -4.48 -5.23 1.56
C3 PGO G . -5.24 -6.24 2.40
O1 PGO G . -3.48 -3.00 1.88
O2 PGO G . -5.46 -4.39 0.95
C1 PGO H . -19.11 -2.13 -5.31
C2 PGO H . -19.45 -1.20 -6.46
C3 PGO H . -18.57 0.05 -6.45
O1 PGO H . -19.70 -3.44 -5.49
O2 PGO H . -19.30 -1.90 -7.69
C1 PGO I . 0.66 -15.24 -41.98
C2 PGO I . 1.66 -14.07 -42.11
C3 PGO I . 3.05 -14.49 -42.64
O1 PGO I . -0.51 -15.08 -42.80
O2 PGO I . 1.16 -13.06 -42.98
C1 PGO J . -7.37 -11.58 -40.05
C2 PGO J . -7.82 -11.05 -41.41
C3 PGO J . -6.64 -10.46 -42.16
O1 PGO J . -6.81 -12.90 -40.15
O2 PGO J . -8.38 -12.05 -42.26
#